data_6D4T
#
_entry.id   6D4T
#
_cell.length_a   88.710
_cell.length_b   88.710
_cell.length_c   84.480
_cell.angle_alpha   90.00
_cell.angle_beta   90.00
_cell.angle_gamma   90.00
#
_symmetry.space_group_name_H-M   'I 4'
#
loop_
_entity.id
_entity.type
_entity.pdbx_description
1 polymer "Inosine-5'-monophosphate dehydrogenase,Inosine-5'-monophosphate dehydrogenase"
2 non-polymer 'INOSINIC ACID'
3 non-polymer (2S)-N-(2H-1,3-benzodioxol-5-yl)-4-[(isoquinolin-5-yl)sulfonyl]-2-methylpiperazine-1-carboxamide
4 water water
#
_entity_poly.entity_id   1
_entity_poly.type   'polypeptide(L)'
_entity_poly.pdbx_seq_one_letter_code
;GSSIAERSVPIAVPVPTGGDDPTKIAMLGLTFDDVLLLPAASDVLPANADTSSQLTKKIRLKVPLVSSAMDTVTEARMAI
AMARAGGMGVLHRNLPVAEQAAQVETVKRSGGLLVGAAVGVGDDAWERAMALRDAGVDVLVVDTAHAHNRKVLDMVHRLK
TTVGDEIEVVGGNVATRAAAAALVEAGADAVKVGVGPGSICTTRVVAGVGAPQITAILEAVAACAPHGVPVIADGGLQYS
GDIAKALAAGASTAMLGSLLAGTAESPGELILVNGKQFKSYRGMGSLGAMQGRGGAKSYSKDRYFQDDALSEDKLVPEGI
EGRVPFRGPLSTVIHQLVGGLRAAMGYTGSATIEELQQAQFVQITAAGLKESHPHDITMTVEAPNYYAR
;
_entity_poly.pdbx_strand_id   A
#
# COMPACT_ATOMS: atom_id res chain seq x y z
N VAL A 15 15.57 20.54 -27.01
CA VAL A 15 14.58 20.09 -26.05
C VAL A 15 13.85 21.30 -25.47
N PRO A 16 12.51 21.35 -25.61
CA PRO A 16 11.69 22.51 -25.23
C PRO A 16 11.90 22.97 -23.80
N THR A 17 12.23 22.06 -22.88
CA THR A 17 12.37 22.43 -21.47
C THR A 17 13.82 22.66 -21.05
N GLY A 18 14.75 22.58 -21.99
CA GLY A 18 16.12 22.94 -21.73
C GLY A 18 17.15 21.84 -21.87
N GLY A 19 18.36 22.23 -22.28
CA GLY A 19 19.44 21.27 -22.49
C GLY A 19 19.25 20.60 -23.84
N ASP A 20 20.11 19.63 -24.14
CA ASP A 20 20.02 18.91 -25.41
C ASP A 20 19.72 17.43 -25.23
N ASP A 21 19.39 17.02 -24.01
CA ASP A 21 19.13 15.62 -23.70
C ASP A 21 17.63 15.37 -23.48
N PRO A 22 16.97 14.70 -24.44
CA PRO A 22 15.54 14.42 -24.34
C PRO A 22 15.19 13.48 -23.19
N THR A 23 16.18 12.75 -22.66
CA THR A 23 15.93 11.79 -21.60
C THR A 23 16.12 12.40 -20.21
N LYS A 24 16.60 13.64 -20.11
CA LYS A 24 16.84 14.25 -18.80
C LYS A 24 15.54 14.35 -18.00
N ILE A 25 14.49 14.80 -18.68
CA ILE A 25 13.16 14.76 -18.10
C ILE A 25 12.47 13.55 -18.76
N ALA A 26 12.41 12.46 -18.01
CA ALA A 26 12.14 11.12 -18.54
C ALA A 26 10.67 10.84 -18.85
N MET A 27 9.77 11.55 -18.16
N MET A 27 9.75 11.51 -18.16
CA MET A 27 8.33 11.31 -18.27
CA MET A 27 8.31 11.26 -18.21
C MET A 27 7.53 12.48 -17.69
C MET A 27 7.53 12.46 -17.71
N LEU A 28 6.24 12.50 -18.01
CA LEU A 28 5.28 13.39 -17.36
C LEU A 28 4.51 12.55 -16.35
N GLY A 29 4.66 12.86 -15.07
CA GLY A 29 4.12 12.01 -14.03
C GLY A 29 2.75 12.48 -13.62
N LEU A 30 1.79 11.57 -13.68
CA LEU A 30 0.42 11.87 -13.29
C LEU A 30 0.13 11.29 -11.91
N THR A 31 -0.59 12.06 -11.10
CA THR A 31 -1.09 11.57 -9.81
C THR A 31 -2.59 11.26 -9.94
N PHE A 32 -3.20 10.78 -8.86
CA PHE A 32 -4.63 10.40 -8.91
C PHE A 32 -5.51 11.55 -9.37
N ASP A 33 -5.23 12.74 -8.86
CA ASP A 33 -6.05 13.91 -9.16
C ASP A 33 -5.97 14.33 -10.64
N ASP A 34 -4.98 13.82 -11.37
CA ASP A 34 -4.83 14.14 -12.78
C ASP A 34 -5.72 13.37 -13.73
N VAL A 35 -6.40 12.33 -13.23
CA VAL A 35 -7.19 11.48 -14.11
C VAL A 35 -8.57 11.15 -13.56
N LEU A 36 -9.47 10.80 -14.46
CA LEU A 36 -10.76 10.23 -14.06
C LEU A 36 -10.97 8.96 -14.87
N LEU A 37 -11.69 8.00 -14.30
CA LEU A 37 -12.14 6.83 -15.05
C LEU A 37 -13.28 7.17 -15.99
N LEU A 38 -13.17 6.70 -17.22
CA LEU A 38 -14.24 6.90 -18.18
C LEU A 38 -15.32 5.84 -18.01
N PRO A 39 -16.59 6.25 -18.00
CA PRO A 39 -17.67 5.27 -18.02
C PRO A 39 -17.59 4.44 -19.31
N ALA A 40 -18.07 3.20 -19.25
CA ALA A 40 -18.04 2.32 -20.42
C ALA A 40 -19.29 1.47 -20.42
N ALA A 41 -19.55 0.75 -21.50
CA ALA A 41 -20.69 -0.14 -21.55
C ALA A 41 -20.69 -1.07 -20.33
N SER A 42 -21.83 -1.14 -19.65
CA SER A 42 -21.90 -1.91 -18.41
C SER A 42 -23.19 -2.70 -18.22
N ASP A 43 -23.04 -3.97 -17.87
CA ASP A 43 -24.16 -4.77 -17.37
C ASP A 43 -23.91 -5.13 -15.91
N VAL A 44 -23.03 -4.37 -15.27
CA VAL A 44 -22.61 -4.66 -13.92
C VAL A 44 -23.26 -3.73 -12.90
N LEU A 45 -24.04 -4.28 -12.00
CA LEU A 45 -24.57 -3.50 -10.93
C LEU A 45 -23.53 -3.41 -9.81
N PRO A 46 -23.39 -2.26 -9.20
CA PRO A 46 -22.36 -2.13 -8.15
C PRO A 46 -22.50 -3.20 -7.06
N ALA A 47 -23.72 -3.50 -6.65
CA ALA A 47 -23.93 -4.51 -5.61
C ALA A 47 -23.42 -5.90 -5.99
N ASN A 48 -23.33 -6.19 -7.29
CA ASN A 48 -22.97 -7.52 -7.79
C ASN A 48 -21.54 -7.66 -8.30
N ALA A 49 -20.83 -6.56 -8.38
CA ALA A 49 -19.41 -6.64 -8.72
C ALA A 49 -18.65 -7.57 -7.75
N ASP A 50 -17.63 -8.23 -8.26
CA ASP A 50 -16.75 -9.08 -7.48
C ASP A 50 -15.51 -8.26 -7.13
N THR A 51 -15.33 -7.91 -5.86
CA THR A 51 -14.21 -7.05 -5.46
C THR A 51 -12.94 -7.81 -5.08
N SER A 52 -12.93 -9.13 -5.23
CA SER A 52 -11.77 -9.91 -4.81
C SER A 52 -10.56 -9.67 -5.70
N SER A 53 -9.36 -9.78 -5.12
CA SER A 53 -8.19 -9.49 -5.92
C SER A 53 -6.95 -10.10 -5.30
N GLN A 54 -5.92 -10.32 -6.11
CA GLN A 54 -4.66 -10.91 -5.62
C GLN A 54 -3.86 -9.90 -4.80
N LEU A 55 -3.60 -10.25 -3.54
CA LEU A 55 -2.61 -9.53 -2.73
C LEU A 55 -1.21 -9.91 -3.17
N THR A 56 -1.01 -11.23 -3.33
CA THR A 56 0.26 -11.79 -3.78
C THR A 56 -0.05 -12.86 -4.83
N LYS A 57 0.97 -13.48 -5.41
CA LYS A 57 0.73 -14.53 -6.38
C LYS A 57 -0.24 -15.60 -5.85
N LYS A 58 -0.13 -15.96 -4.57
CA LYS A 58 -0.98 -17.04 -4.04
C LYS A 58 -2.17 -16.59 -3.20
N ILE A 59 -2.13 -15.38 -2.65
CA ILE A 59 -3.17 -14.98 -1.70
C ILE A 59 -4.16 -14.01 -2.35
N ARG A 60 -5.43 -14.40 -2.37
CA ARG A 60 -6.50 -13.55 -2.88
C ARG A 60 -7.35 -13.04 -1.71
N LEU A 61 -7.56 -11.72 -1.65
CA LEU A 61 -8.42 -11.10 -0.65
C LEU A 61 -9.83 -10.88 -1.19
N LYS A 62 -10.81 -10.85 -0.30
CA LYS A 62 -12.18 -10.56 -0.69
C LYS A 62 -12.36 -9.08 -1.05
N VAL A 63 -11.59 -8.23 -0.39
CA VAL A 63 -11.59 -6.78 -0.56
C VAL A 63 -10.15 -6.35 -0.79
N PRO A 64 -9.89 -5.53 -1.83
CA PRO A 64 -8.50 -5.35 -2.29
C PRO A 64 -7.76 -4.26 -1.53
N LEU A 65 -7.81 -4.34 -0.20
CA LEU A 65 -7.29 -3.29 0.66
C LEU A 65 -6.45 -3.86 1.79
N VAL A 66 -5.28 -3.27 1.99
N VAL A 66 -5.31 -3.22 2.00
CA VAL A 66 -4.46 -3.61 3.15
CA VAL A 66 -4.40 -3.56 3.08
C VAL A 66 -4.05 -2.37 3.93
C VAL A 66 -4.16 -2.32 3.94
N SER A 67 -3.93 -2.49 5.24
CA SER A 67 -3.59 -1.33 6.06
C SER A 67 -2.08 -1.16 6.19
N SER A 68 -1.63 0.10 6.22
CA SER A 68 -0.20 0.40 6.24
C SER A 68 0.52 -0.11 7.48
N ALA A 69 1.77 -0.49 7.29
CA ALA A 69 2.64 -0.93 8.40
C ALA A 69 3.16 0.28 9.13
N MET A 70 2.28 0.93 9.89
CA MET A 70 2.64 2.17 10.62
C MET A 70 2.15 2.08 12.05
N ASP A 71 2.87 2.70 12.97
CA ASP A 71 2.50 2.55 14.40
C ASP A 71 1.34 3.43 14.82
N THR A 72 0.79 4.23 13.90
CA THR A 72 -0.49 4.88 14.17
C THR A 72 -1.59 4.33 13.26
N VAL A 73 -1.34 3.19 12.62
CA VAL A 73 -2.37 2.57 11.79
C VAL A 73 -2.61 1.09 12.14
N THR A 74 -1.58 0.24 12.17
CA THR A 74 -1.81 -1.21 12.28
C THR A 74 -1.06 -1.92 13.40
N GLU A 75 -1.80 -2.24 14.45
CA GLU A 75 -1.39 -3.26 15.42
C GLU A 75 -2.44 -4.36 15.39
N ALA A 76 -2.47 -5.24 16.39
CA ALA A 76 -3.30 -6.44 16.28
C ALA A 76 -4.80 -6.14 16.07
N ARG A 77 -5.32 -5.13 16.76
CA ARG A 77 -6.73 -4.78 16.67
C ARG A 77 -7.13 -4.41 15.23
N MET A 78 -6.29 -3.59 14.60
CA MET A 78 -6.53 -3.24 13.20
C MET A 78 -6.38 -4.43 12.26
N ALA A 79 -5.36 -5.27 12.48
CA ALA A 79 -5.15 -6.44 11.61
C ALA A 79 -6.34 -7.41 11.69
N ILE A 80 -6.89 -7.59 12.88
CA ILE A 80 -8.05 -8.44 13.06
C ILE A 80 -9.26 -7.86 12.31
N ALA A 81 -9.50 -6.56 12.48
CA ALA A 81 -10.67 -5.93 11.84
C ALA A 81 -10.52 -5.94 10.32
N MET A 82 -9.31 -5.68 9.84
CA MET A 82 -9.06 -5.72 8.39
C MET A 82 -9.31 -7.11 7.80
N ALA A 83 -8.78 -8.13 8.45
CA ALA A 83 -8.99 -9.51 7.98
C ALA A 83 -10.49 -9.84 7.97
N ARG A 84 -11.19 -9.47 9.03
CA ARG A 84 -12.63 -9.73 9.12
C ARG A 84 -13.45 -8.98 8.07
N ALA A 85 -12.98 -7.80 7.67
CA ALA A 85 -13.62 -7.03 6.61
C ALA A 85 -13.26 -7.56 5.22
N GLY A 86 -12.34 -8.52 5.16
CA GLY A 86 -12.00 -9.15 3.90
C GLY A 86 -10.69 -8.67 3.30
N GLY A 87 -10.01 -7.76 3.99
CA GLY A 87 -8.70 -7.30 3.58
C GLY A 87 -7.59 -7.93 4.42
N MET A 88 -6.55 -7.15 4.68
CA MET A 88 -5.47 -7.62 5.56
C MET A 88 -4.76 -6.45 6.20
N GLY A 89 -4.19 -6.68 7.38
CA GLY A 89 -3.33 -5.69 8.00
C GLY A 89 -1.86 -6.08 7.88
N VAL A 90 -0.97 -5.09 7.77
CA VAL A 90 0.47 -5.37 7.86
C VAL A 90 0.96 -4.74 9.16
N LEU A 91 1.33 -5.60 10.12
CA LEU A 91 1.81 -5.11 11.41
C LEU A 91 3.10 -4.32 11.27
N HIS A 92 3.15 -3.16 11.91
CA HIS A 92 4.34 -2.32 11.84
C HIS A 92 5.49 -2.96 12.61
N ARG A 93 6.72 -2.50 12.34
CA ARG A 93 7.90 -3.09 12.94
C ARG A 93 8.65 -2.14 13.87
N ASN A 94 7.99 -1.07 14.30
CA ASN A 94 8.61 -0.13 15.22
C ASN A 94 8.40 -0.55 16.67
N LEU A 95 8.87 -1.74 16.99
CA LEU A 95 8.67 -2.32 18.31
C LEU A 95 9.53 -3.57 18.39
N PRO A 96 9.78 -4.07 19.61
CA PRO A 96 10.60 -5.27 19.75
C PRO A 96 10.09 -6.47 18.95
N VAL A 97 11.02 -7.31 18.50
CA VAL A 97 10.68 -8.52 17.77
C VAL A 97 9.65 -9.37 18.52
N ALA A 98 9.87 -9.57 19.82
CA ALA A 98 8.99 -10.41 20.62
C ALA A 98 7.56 -9.88 20.65
N GLU A 99 7.41 -8.58 20.63
CA GLU A 99 6.13 -7.96 20.70
C GLU A 99 5.40 -8.05 19.39
N GLN A 100 6.12 -7.86 18.29
CA GLN A 100 5.51 -7.97 16.96
C GLN A 100 5.04 -9.40 16.74
N ALA A 101 5.87 -10.35 17.14
CA ALA A 101 5.52 -11.77 17.02
C ALA A 101 4.27 -12.09 17.83
N ALA A 102 4.19 -11.49 19.01
CA ALA A 102 3.06 -11.68 19.90
C ALA A 102 1.79 -11.06 19.32
N GLN A 103 1.94 -10.00 18.53
CA GLN A 103 0.76 -9.44 17.88
C GLN A 103 0.28 -10.37 16.77
N VAL A 104 1.21 -11.01 16.07
CA VAL A 104 0.84 -12.00 15.06
C VAL A 104 0.04 -13.15 15.69
N GLU A 105 0.52 -13.62 16.83
CA GLU A 105 -0.17 -14.68 17.56
C GLU A 105 -1.58 -14.26 17.97
N THR A 106 -1.70 -13.04 18.49
CA THR A 106 -3.00 -12.47 18.88
C THR A 106 -3.99 -12.49 17.71
N VAL A 107 -3.53 -12.13 16.52
CA VAL A 107 -4.40 -12.15 15.35
C VAL A 107 -4.83 -13.59 15.02
N LYS A 108 -3.92 -14.54 15.21
CA LYS A 108 -4.22 -15.93 14.93
C LYS A 108 -5.16 -16.52 15.97
N ARG A 109 -5.12 -16.00 17.19
CA ARG A 109 -6.04 -16.44 18.23
C ARG A 109 -7.49 -16.09 17.86
N SER A 110 -7.66 -15.10 17.00
CA SER A 110 -8.99 -14.62 16.64
C SER A 110 -9.58 -15.33 15.44
N GLY A 111 -9.08 -16.53 15.14
CA GLY A 111 -9.62 -17.32 14.06
C GLY A 111 -8.65 -17.52 12.92
N GLY A 112 -9.15 -18.03 11.80
CA GLY A 112 -8.31 -18.25 10.63
C GLY A 112 -8.13 -16.98 9.84
N LEU A 113 -7.48 -15.99 10.45
CA LEU A 113 -7.36 -14.67 9.84
C LEU A 113 -5.98 -14.47 9.21
N LEU A 114 -5.98 -13.98 7.98
CA LEU A 114 -4.74 -13.63 7.30
C LEU A 114 -4.06 -12.47 8.02
N VAL A 115 -2.74 -12.48 8.06
CA VAL A 115 -2.02 -11.34 8.63
C VAL A 115 -0.62 -11.22 8.03
N GLY A 116 -0.19 -9.97 7.86
CA GLY A 116 1.15 -9.70 7.37
C GLY A 116 1.95 -8.93 8.41
N ALA A 117 3.26 -8.84 8.21
CA ALA A 117 4.09 -8.08 9.12
C ALA A 117 5.30 -7.53 8.38
N ALA A 118 5.71 -6.32 8.75
CA ALA A 118 6.86 -5.69 8.11
C ALA A 118 8.19 -6.13 8.72
N VAL A 119 9.20 -6.25 7.87
CA VAL A 119 10.59 -6.40 8.33
C VAL A 119 11.47 -5.46 7.52
N GLY A 120 12.57 -5.02 8.12
CA GLY A 120 13.55 -4.20 7.40
C GLY A 120 14.64 -5.01 6.73
N VAL A 121 15.81 -4.39 6.53
CA VAL A 121 16.93 -5.14 5.99
C VAL A 121 18.17 -4.92 6.88
N GLY A 122 17.91 -4.43 8.09
CA GLY A 122 18.96 -4.18 9.06
C GLY A 122 19.48 -5.45 9.72
N ASP A 123 20.30 -5.27 10.75
CA ASP A 123 20.95 -6.38 11.45
C ASP A 123 19.94 -7.37 12.01
N ASP A 124 18.88 -6.85 12.62
CA ASP A 124 17.90 -7.68 13.33
C ASP A 124 16.77 -8.19 12.44
N ALA A 125 16.80 -7.83 11.16
CA ALA A 125 15.69 -8.11 10.26
C ALA A 125 15.48 -9.61 10.05
N TRP A 126 16.56 -10.36 9.85
CA TRP A 126 16.42 -11.80 9.64
C TRP A 126 15.82 -12.51 10.86
N GLU A 127 16.33 -12.20 12.04
CA GLU A 127 15.78 -12.75 13.29
C GLU A 127 14.31 -12.37 13.44
N ARG A 128 13.98 -11.13 13.07
CA ARG A 128 12.58 -10.69 13.13
C ARG A 128 11.73 -11.54 12.21
N ALA A 129 12.20 -11.74 10.99
CA ALA A 129 11.48 -12.52 9.98
C ALA A 129 11.23 -13.96 10.46
N MET A 130 12.24 -14.55 11.10
N MET A 130 12.24 -14.55 11.10
CA MET A 130 12.12 -15.92 11.59
CA MET A 130 12.10 -15.93 11.56
C MET A 130 11.13 -16.03 12.73
C MET A 130 11.13 -16.03 12.73
N ALA A 131 11.17 -15.05 13.64
CA ALA A 131 10.24 -15.01 14.76
C ALA A 131 8.80 -14.85 14.28
N LEU A 132 8.64 -14.08 13.20
CA LEU A 132 7.32 -13.86 12.62
C LEU A 132 6.82 -15.13 11.97
N ARG A 133 7.70 -15.82 11.25
CA ARG A 133 7.36 -17.12 10.68
C ARG A 133 6.93 -18.10 11.76
N ASP A 134 7.68 -18.13 12.85
CA ASP A 134 7.35 -19.01 13.97
C ASP A 134 6.00 -18.67 14.57
N ALA A 135 5.63 -17.39 14.55
CA ALA A 135 4.35 -16.96 15.10
C ALA A 135 3.18 -17.26 14.16
N GLY A 136 3.47 -17.67 12.94
CA GLY A 136 2.45 -18.04 11.99
C GLY A 136 2.05 -16.98 10.96
N VAL A 137 2.94 -16.02 10.71
CA VAL A 137 2.60 -14.94 9.76
C VAL A 137 2.37 -15.50 8.36
N ASP A 138 1.47 -14.87 7.60
CA ASP A 138 1.16 -15.33 6.25
C ASP A 138 1.95 -14.61 5.19
N VAL A 139 2.24 -13.34 5.46
CA VAL A 139 2.91 -12.46 4.50
C VAL A 139 4.03 -11.70 5.19
N LEU A 140 5.22 -11.75 4.64
CA LEU A 140 6.31 -10.90 5.12
C LEU A 140 6.46 -9.75 4.14
N VAL A 141 6.46 -8.54 4.66
CA VAL A 141 6.63 -7.38 3.80
C VAL A 141 8.01 -6.78 4.06
N VAL A 142 8.92 -6.93 3.11
CA VAL A 142 10.22 -6.27 3.20
C VAL A 142 9.98 -4.79 2.93
N ASP A 143 10.06 -4.01 4.01
CA ASP A 143 9.44 -2.70 4.13
C ASP A 143 10.50 -1.59 4.10
N THR A 144 10.78 -1.05 2.91
CA THR A 144 11.82 -0.03 2.76
C THR A 144 11.30 1.16 1.94
N ALA A 145 12.02 2.27 1.97
CA ALA A 145 11.68 3.43 1.16
C ALA A 145 12.27 3.30 -0.24
N HIS A 146 13.18 2.36 -0.43
CA HIS A 146 13.84 2.23 -1.72
C HIS A 146 14.34 0.81 -1.96
N ALA A 147 13.53 0.01 -2.65
CA ALA A 147 13.83 -1.41 -2.85
C ALA A 147 14.84 -1.69 -3.96
N HIS A 148 15.14 -0.68 -4.78
CA HIS A 148 16.09 -0.84 -5.88
C HIS A 148 17.53 -0.81 -5.36
N ASN A 149 17.89 -1.88 -4.67
CA ASN A 149 19.08 -1.90 -3.83
C ASN A 149 19.44 -3.35 -3.56
N ARG A 150 20.72 -3.68 -3.62
CA ARG A 150 21.14 -5.09 -3.52
C ARG A 150 20.81 -5.71 -2.17
N LYS A 151 20.90 -4.93 -1.11
CA LYS A 151 20.57 -5.41 0.20
C LYS A 151 19.10 -5.82 0.29
N VAL A 152 18.23 -5.00 -0.27
CA VAL A 152 16.80 -5.30 -0.26
C VAL A 152 16.46 -6.49 -1.16
N LEU A 153 17.03 -6.51 -2.36
CA LEU A 153 16.77 -7.60 -3.29
C LEU A 153 17.27 -8.92 -2.70
N ASP A 154 18.42 -8.86 -2.03
CA ASP A 154 18.98 -10.06 -1.40
C ASP A 154 18.09 -10.59 -0.28
N MET A 155 17.52 -9.68 0.52
CA MET A 155 16.62 -10.06 1.60
C MET A 155 15.37 -10.74 1.05
N VAL A 156 14.78 -10.14 0.03
CA VAL A 156 13.62 -10.72 -0.62
C VAL A 156 13.93 -12.14 -1.10
N HIS A 157 15.03 -12.27 -1.82
CA HIS A 157 15.44 -13.55 -2.40
C HIS A 157 15.71 -14.62 -1.32
N ARG A 158 16.36 -14.22 -0.26
CA ARG A 158 16.69 -15.13 0.79
C ARG A 158 15.47 -15.60 1.50
N LEU A 159 14.55 -14.70 1.77
CA LEU A 159 13.30 -15.08 2.39
C LEU A 159 12.53 -16.05 1.51
N LYS A 160 12.43 -15.72 0.22
CA LYS A 160 11.67 -16.54 -0.71
C LYS A 160 12.27 -17.95 -0.83
N THR A 161 13.59 -18.04 -0.82
CA THR A 161 14.24 -19.33 -0.91
C THR A 161 14.19 -20.10 0.41
N THR A 162 14.05 -19.39 1.53
CA THR A 162 14.07 -20.03 2.85
C THR A 162 12.69 -20.40 3.37
N VAL A 163 11.73 -19.48 3.28
CA VAL A 163 10.41 -19.73 3.87
C VAL A 163 9.29 -19.56 2.84
N GLY A 164 9.67 -19.45 1.58
CA GLY A 164 8.75 -19.13 0.50
C GLY A 164 7.67 -20.16 0.20
N ASP A 165 7.84 -21.39 0.65
CA ASP A 165 6.82 -22.39 0.43
C ASP A 165 5.59 -22.12 1.30
N GLU A 166 5.81 -21.51 2.45
CA GLU A 166 4.73 -21.31 3.42
C GLU A 166 4.35 -19.85 3.58
N ILE A 167 5.23 -18.96 3.16
CA ILE A 167 5.04 -17.53 3.37
C ILE A 167 5.22 -16.77 2.07
N GLU A 168 4.30 -15.85 1.81
CA GLU A 168 4.42 -14.96 0.65
C GLU A 168 5.25 -13.74 1.01
N VAL A 169 6.13 -13.35 0.11
CA VAL A 169 7.09 -12.28 0.37
C VAL A 169 6.86 -11.07 -0.53
N VAL A 170 6.49 -9.95 0.09
CA VAL A 170 6.29 -8.70 -0.61
C VAL A 170 7.55 -7.85 -0.50
N GLY A 171 7.92 -7.18 -1.58
CA GLY A 171 9.03 -6.26 -1.57
C GLY A 171 8.60 -4.86 -2.00
N GLY A 172 9.22 -3.84 -1.43
CA GLY A 172 8.92 -2.47 -1.80
C GLY A 172 9.77 -1.53 -0.97
N ASN A 173 9.67 -0.22 -1.22
CA ASN A 173 8.81 0.32 -2.27
C ASN A 173 9.59 0.72 -3.52
N VAL A 174 8.90 0.76 -4.65
CA VAL A 174 9.50 1.17 -5.91
C VAL A 174 8.64 2.19 -6.62
N ALA A 175 9.19 2.83 -7.64
CA ALA A 175 8.42 3.82 -8.37
C ALA A 175 8.79 3.86 -9.84
N THR A 176 9.59 2.88 -10.26
CA THR A 176 10.00 2.78 -11.66
C THR A 176 9.85 1.36 -12.17
N ARG A 177 9.78 1.24 -13.48
CA ARG A 177 9.73 -0.04 -14.16
C ARG A 177 10.96 -0.88 -13.83
N ALA A 178 12.15 -0.29 -13.92
CA ALA A 178 13.38 -1.04 -13.64
C ALA A 178 13.44 -1.61 -12.24
N ALA A 179 12.97 -0.82 -11.26
CA ALA A 179 13.01 -1.25 -9.87
C ALA A 179 12.03 -2.40 -9.65
N ALA A 180 10.83 -2.29 -10.24
CA ALA A 180 9.85 -3.35 -10.15
C ALA A 180 10.39 -4.64 -10.78
N ALA A 181 11.04 -4.50 -11.95
CA ALA A 181 11.61 -5.64 -12.63
C ALA A 181 12.65 -6.35 -11.77
N ALA A 182 13.45 -5.57 -11.03
CA ALA A 182 14.47 -6.13 -10.16
C ALA A 182 13.88 -6.95 -9.03
N LEU A 183 12.80 -6.44 -8.43
CA LEU A 183 12.11 -7.18 -7.38
C LEU A 183 11.49 -8.46 -7.92
N VAL A 184 10.91 -8.40 -9.11
CA VAL A 184 10.36 -9.60 -9.73
C VAL A 184 11.44 -10.66 -9.90
N GLU A 185 12.60 -10.24 -10.39
CA GLU A 185 13.70 -11.18 -10.63
C GLU A 185 14.22 -11.76 -9.30
N ALA A 186 14.15 -10.98 -8.23
CA ALA A 186 14.59 -11.43 -6.91
C ALA A 186 13.63 -12.47 -6.29
N GLY A 187 12.43 -12.56 -6.83
CA GLY A 187 11.46 -13.55 -6.39
C GLY A 187 10.25 -13.01 -5.64
N ALA A 188 10.04 -11.69 -5.67
CA ALA A 188 8.89 -11.12 -4.94
C ALA A 188 7.56 -11.73 -5.36
N ASP A 189 6.70 -11.96 -4.37
CA ASP A 189 5.34 -12.44 -4.64
C ASP A 189 4.35 -11.30 -4.88
N ALA A 190 4.78 -10.09 -4.56
CA ALA A 190 4.06 -8.85 -4.87
C ALA A 190 5.05 -7.71 -4.83
N VAL A 191 4.76 -6.63 -5.55
CA VAL A 191 5.64 -5.47 -5.58
C VAL A 191 4.83 -4.25 -5.10
N LYS A 192 5.36 -3.56 -4.09
CA LYS A 192 4.64 -2.42 -3.54
C LYS A 192 5.18 -1.12 -4.11
N VAL A 193 4.29 -0.28 -4.60
CA VAL A 193 4.66 0.93 -5.33
C VAL A 193 4.32 2.20 -4.57
N GLY A 194 5.30 3.07 -4.40
CA GLY A 194 5.08 4.36 -3.78
C GLY A 194 6.36 4.89 -3.21
N VAL A 195 7.00 5.81 -3.93
CA VAL A 195 8.12 6.53 -3.34
C VAL A 195 7.76 8.01 -3.35
N GLY A 196 7.53 8.54 -2.16
CA GLY A 196 7.11 9.92 -1.98
C GLY A 196 5.65 10.36 -1.99
N PRO A 197 4.67 9.45 -2.21
CA PRO A 197 3.32 10.00 -2.36
C PRO A 197 2.49 10.10 -1.07
N GLY A 198 2.98 9.55 0.04
CA GLY A 198 2.17 9.45 1.25
C GLY A 198 1.71 10.80 1.77
N SER A 199 0.53 10.82 2.37
CA SER A 199 -0.02 12.06 2.93
C SER A 199 0.86 12.72 3.95
N ILE A 200 1.61 11.92 4.72
CA ILE A 200 2.48 12.47 5.76
C ILE A 200 3.95 12.52 5.33
N CYS A 201 4.17 12.35 4.02
CA CYS A 201 5.50 12.27 3.45
CA CYS A 201 5.52 12.26 3.46
C CYS A 201 6.11 13.63 3.17
N THR A 202 7.39 13.80 3.52
CA THR A 202 8.07 15.03 3.13
C THR A 202 9.31 14.75 2.26
N THR A 203 9.45 13.52 1.79
CA THR A 203 10.55 13.17 0.90
C THR A 203 10.61 14.05 -0.33
N ARG A 204 9.45 14.42 -0.87
CA ARG A 204 9.41 15.29 -2.04
CA ARG A 204 9.42 15.27 -2.04
C ARG A 204 10.06 16.64 -1.75
N VAL A 205 9.86 17.17 -0.54
CA VAL A 205 10.46 18.48 -0.27
C VAL A 205 11.85 18.39 0.37
N VAL A 206 12.10 17.34 1.15
CA VAL A 206 13.38 17.16 1.81
C VAL A 206 14.46 16.69 0.83
N ALA A 207 14.12 15.69 0.02
CA ALA A 207 15.09 15.12 -0.88
C ALA A 207 14.86 15.54 -2.33
N GLY A 208 13.69 16.07 -2.62
CA GLY A 208 13.35 16.42 -4.00
C GLY A 208 13.06 15.21 -4.87
N VAL A 209 12.72 14.09 -4.23
CA VAL A 209 12.58 12.80 -4.91
C VAL A 209 11.14 12.33 -4.85
N GLY A 210 10.63 11.78 -5.94
CA GLY A 210 9.30 11.23 -5.91
C GLY A 210 8.88 10.78 -7.28
N ALA A 211 7.69 10.21 -7.35
CA ALA A 211 7.14 9.75 -8.61
C ALA A 211 5.63 9.76 -8.45
N PRO A 212 4.93 10.63 -9.18
CA PRO A 212 3.46 10.65 -9.13
C PRO A 212 2.86 9.26 -9.31
N GLN A 213 1.85 8.93 -8.53
CA GLN A 213 1.47 7.53 -8.34
CA GLN A 213 1.42 7.54 -8.33
C GLN A 213 0.78 6.84 -9.53
N ILE A 214 -0.01 7.56 -10.33
CA ILE A 214 -0.62 6.88 -11.48
C ILE A 214 0.48 6.42 -12.43
N THR A 215 1.42 7.32 -12.74
CA THR A 215 2.53 6.95 -13.63
C THR A 215 3.41 5.86 -13.00
N ALA A 216 3.67 5.96 -11.69
CA ALA A 216 4.48 4.94 -11.01
C ALA A 216 3.81 3.56 -11.11
N ILE A 217 2.50 3.52 -10.89
CA ILE A 217 1.76 2.27 -11.01
C ILE A 217 1.79 1.74 -12.44
N LEU A 218 1.53 2.61 -13.43
CA LEU A 218 1.56 2.17 -14.83
C LEU A 218 2.92 1.56 -15.19
N GLU A 219 3.97 2.22 -14.73
CA GLU A 219 5.32 1.72 -15.03
C GLU A 219 5.65 0.41 -14.29
N ALA A 220 5.24 0.31 -13.02
CA ALA A 220 5.53 -0.91 -12.26
C ALA A 220 4.76 -2.08 -12.83
N VAL A 221 3.50 -1.82 -13.19
CA VAL A 221 2.67 -2.86 -13.74
C VAL A 221 3.23 -3.37 -15.07
N ALA A 222 3.82 -2.49 -15.87
CA ALA A 222 4.45 -2.88 -17.14
C ALA A 222 5.55 -3.93 -16.90
N ALA A 223 6.21 -3.89 -15.74
CA ALA A 223 7.22 -4.90 -15.40
C ALA A 223 6.67 -6.13 -14.67
N CYS A 224 5.61 -5.93 -13.90
CA CYS A 224 5.09 -6.96 -13.00
C CYS A 224 3.99 -7.84 -13.61
N ALA A 225 3.05 -7.23 -14.31
CA ALA A 225 1.92 -7.98 -14.86
C ALA A 225 2.41 -9.09 -15.84
N PRO A 226 3.43 -8.80 -16.68
CA PRO A 226 3.81 -9.89 -17.59
C PRO A 226 4.40 -11.11 -16.89
N HIS A 227 4.79 -10.96 -15.63
CA HIS A 227 5.32 -12.05 -14.82
C HIS A 227 4.30 -12.57 -13.79
N GLY A 228 3.06 -12.09 -13.89
CA GLY A 228 2.01 -12.52 -12.98
C GLY A 228 2.23 -12.11 -11.53
N VAL A 229 2.96 -11.02 -11.32
CA VAL A 229 3.22 -10.48 -9.98
C VAL A 229 2.31 -9.28 -9.71
N PRO A 230 1.46 -9.37 -8.68
CA PRO A 230 0.55 -8.25 -8.37
C PRO A 230 1.28 -7.04 -7.83
N VAL A 231 0.74 -5.86 -8.14
CA VAL A 231 1.25 -4.58 -7.65
C VAL A 231 0.32 -4.05 -6.54
N ILE A 232 0.92 -3.67 -5.42
CA ILE A 232 0.21 -3.02 -4.32
C ILE A 232 0.47 -1.52 -4.42
N ALA A 233 -0.59 -0.73 -4.62
CA ALA A 233 -0.47 0.73 -4.68
C ALA A 233 -0.43 1.31 -3.26
N ASP A 234 0.69 1.89 -2.88
CA ASP A 234 0.91 2.31 -1.50
C ASP A 234 1.21 3.80 -1.36
N GLY A 235 0.25 4.53 -0.82
CA GLY A 235 0.47 5.93 -0.52
C GLY A 235 -0.25 6.86 -1.48
N GLY A 236 -0.76 7.96 -0.93
CA GLY A 236 -1.34 9.01 -1.74
C GLY A 236 -2.84 8.87 -2.01
N LEU A 237 -3.44 7.77 -1.54
CA LEU A 237 -4.86 7.57 -1.76
C LEU A 237 -5.64 8.39 -0.71
N GLN A 238 -6.42 9.36 -1.18
CA GLN A 238 -7.12 10.29 -0.28
C GLN A 238 -8.63 10.07 -0.24
N TYR A 239 -9.16 9.44 -1.29
CA TYR A 239 -10.59 9.24 -1.45
C TYR A 239 -10.85 7.82 -1.92
N SER A 240 -12.07 7.33 -1.73
CA SER A 240 -12.42 6.00 -2.21
C SER A 240 -12.22 5.91 -3.74
N GLY A 241 -12.46 7.02 -4.44
CA GLY A 241 -12.25 7.04 -5.89
C GLY A 241 -10.81 6.76 -6.28
N ASP A 242 -9.87 7.14 -5.43
CA ASP A 242 -8.46 6.84 -5.72
C ASP A 242 -8.17 5.35 -5.73
N ILE A 243 -8.91 4.58 -4.96
CA ILE A 243 -8.73 3.12 -4.95
C ILE A 243 -9.07 2.58 -6.34
N ALA A 244 -10.19 3.02 -6.90
CA ALA A 244 -10.57 2.58 -8.23
C ALA A 244 -9.54 3.04 -9.26
N LYS A 245 -9.05 4.27 -9.13
CA LYS A 245 -8.04 4.75 -10.07
C LYS A 245 -6.79 3.88 -10.01
N ALA A 246 -6.32 3.59 -8.79
CA ALA A 246 -5.10 2.80 -8.63
C ALA A 246 -5.25 1.42 -9.25
N LEU A 247 -6.39 0.78 -9.02
CA LEU A 247 -6.62 -0.56 -9.58
C LEU A 247 -6.76 -0.50 -11.10
N ALA A 248 -7.42 0.54 -11.60
CA ALA A 248 -7.55 0.68 -13.04
C ALA A 248 -6.20 0.91 -13.69
N ALA A 249 -5.27 1.58 -13.00
CA ALA A 249 -3.93 1.78 -13.54
C ALA A 249 -3.16 0.46 -13.58
N GLY A 250 -3.72 -0.56 -12.93
CA GLY A 250 -3.16 -1.90 -13.00
C GLY A 250 -2.77 -2.51 -11.65
N ALA A 251 -2.85 -1.75 -10.56
CA ALA A 251 -2.57 -2.34 -9.25
C ALA A 251 -3.63 -3.40 -8.95
N SER A 252 -3.27 -4.33 -8.07
CA SER A 252 -4.18 -5.38 -7.66
C SER A 252 -4.77 -5.12 -6.30
N THR A 253 -4.02 -4.40 -5.46
CA THR A 253 -4.54 -3.96 -4.17
C THR A 253 -4.03 -2.56 -3.85
N ALA A 254 -4.64 -1.93 -2.85
CA ALA A 254 -4.20 -0.63 -2.36
C ALA A 254 -3.88 -0.73 -0.87
N MET A 255 -2.77 -0.10 -0.48
CA MET A 255 -2.41 0.02 0.94
C MET A 255 -2.74 1.41 1.44
N LEU A 256 -3.44 1.46 2.57
CA LEU A 256 -3.99 2.71 3.07
C LEU A 256 -3.46 3.07 4.45
N GLY A 257 -2.99 4.31 4.59
CA GLY A 257 -2.55 4.83 5.86
C GLY A 257 -3.54 5.86 6.37
N SER A 258 -3.52 7.05 5.78
CA SER A 258 -4.38 8.15 6.22
CA SER A 258 -4.37 8.14 6.27
C SER A 258 -5.85 7.77 6.31
N LEU A 259 -6.33 7.02 5.33
CA LEU A 259 -7.76 6.72 5.26
C LEU A 259 -8.22 5.78 6.37
N LEU A 260 -7.27 5.08 7.00
CA LEU A 260 -7.60 4.14 8.08
C LEU A 260 -7.13 4.61 9.44
N ALA A 261 -6.27 5.62 9.49
CA ALA A 261 -5.73 6.11 10.75
C ALA A 261 -6.77 6.80 11.63
N GLY A 262 -7.85 7.27 11.03
CA GLY A 262 -8.87 7.91 11.84
C GLY A 262 -9.84 6.95 12.52
N THR A 263 -9.64 5.65 12.38
CA THR A 263 -10.65 4.69 12.80
C THR A 263 -10.43 4.23 14.23
N ALA A 264 -11.50 3.67 14.80
CA ALA A 264 -11.48 3.23 16.18
C ALA A 264 -10.39 2.19 16.43
N GLU A 265 -10.15 1.33 15.44
CA GLU A 265 -9.24 0.19 15.58
C GLU A 265 -7.76 0.55 15.44
N SER A 266 -7.46 1.75 14.97
CA SER A 266 -6.07 2.18 14.87
C SER A 266 -5.50 2.48 16.26
N PRO A 267 -4.17 2.39 16.42
CA PRO A 267 -3.58 2.72 17.73
C PRO A 267 -3.78 4.19 18.05
N GLY A 268 -3.71 4.54 19.33
CA GLY A 268 -3.75 5.93 19.72
C GLY A 268 -5.09 6.37 20.30
N GLU A 269 -5.04 7.45 21.08
CA GLU A 269 -6.24 7.96 21.72
C GLU A 269 -6.93 9.02 20.86
N LEU A 270 -8.17 9.29 21.21
CA LEU A 270 -8.93 10.37 20.60
C LEU A 270 -8.38 11.70 21.07
N ILE A 271 -8.25 12.67 20.18
CA ILE A 271 -7.82 13.99 20.56
C ILE A 271 -8.86 15.01 20.19
N LEU A 272 -9.15 15.90 21.12
CA LEU A 272 -10.14 16.94 20.90
C LEU A 272 -9.47 18.28 20.68
N VAL A 273 -9.60 18.85 19.48
CA VAL A 273 -9.12 20.21 19.27
C VAL A 273 -10.19 21.07 18.60
N ASN A 274 -10.42 22.24 19.18
CA ASN A 274 -11.45 23.17 18.72
C ASN A 274 -12.80 22.49 18.47
N GLY A 275 -13.20 21.61 19.38
CA GLY A 275 -14.51 21.00 19.32
C GLY A 275 -14.65 19.79 18.41
N LYS A 276 -13.61 19.46 17.65
CA LYS A 276 -13.69 18.35 16.72
C LYS A 276 -12.77 17.21 17.17
N GLN A 277 -13.10 15.99 16.75
CA GLN A 277 -12.34 14.81 17.16
C GLN A 277 -11.35 14.39 16.10
N PHE A 278 -10.13 14.08 16.54
CA PHE A 278 -9.05 13.65 15.67
C PHE A 278 -8.30 12.47 16.27
N LYS A 279 -7.46 11.82 15.47
CA LYS A 279 -6.45 10.91 16.01
C LYS A 279 -5.11 11.31 15.42
N SER A 280 -4.05 10.99 16.14
CA SER A 280 -2.71 11.27 15.65
C SER A 280 -2.35 10.30 14.53
N TYR A 281 -1.66 10.84 13.54
CA TYR A 281 -1.20 10.04 12.41
C TYR A 281 0.18 10.55 12.04
N ARG A 282 1.18 9.68 12.08
CA ARG A 282 2.54 10.16 11.88
C ARG A 282 3.30 9.25 10.93
N GLY A 283 4.21 9.85 10.17
CA GLY A 283 5.03 9.06 9.28
C GLY A 283 6.03 8.23 10.08
N MET A 284 6.42 7.09 9.53
CA MET A 284 7.43 6.28 10.20
C MET A 284 8.81 6.90 10.04
N GLY A 285 8.91 7.95 9.22
CA GLY A 285 10.13 8.72 9.07
C GLY A 285 10.06 10.07 9.77
N SER A 286 9.04 10.27 10.61
CA SER A 286 8.95 11.48 11.42
C SER A 286 9.95 11.39 12.57
N LEU A 287 10.25 12.53 13.17
CA LEU A 287 11.18 12.57 14.30
C LEU A 287 10.67 11.67 15.42
N GLY A 288 9.37 11.81 15.72
CA GLY A 288 8.74 11.04 16.77
C GLY A 288 8.85 9.53 16.59
N ALA A 289 8.59 9.06 15.37
CA ALA A 289 8.63 7.63 15.09
C ALA A 289 10.06 7.09 15.08
N MET A 290 11.01 7.92 14.68
CA MET A 290 12.40 7.48 14.63
C MET A 290 13.01 7.52 16.03
N GLN A 291 12.43 8.34 16.89
CA GLN A 291 12.90 8.47 18.27
C GLN A 291 12.03 7.68 19.25
N LEU A 315 19.31 13.73 12.94
CA LEU A 315 18.19 13.12 12.24
C LEU A 315 17.60 14.03 11.19
N VAL A 316 17.38 13.48 9.99
CA VAL A 316 16.73 14.20 8.91
C VAL A 316 15.43 13.49 8.52
N PRO A 317 14.32 13.94 9.11
CA PRO A 317 13.06 13.23 8.91
C PRO A 317 12.52 13.40 7.51
N GLU A 318 11.75 12.41 7.08
CA GLU A 318 11.08 12.44 5.80
C GLU A 318 9.58 12.20 5.97
N GLY A 319 9.08 12.45 7.18
CA GLY A 319 7.65 12.46 7.42
C GLY A 319 7.29 13.44 8.52
N ILE A 320 6.01 13.76 8.60
CA ILE A 320 5.52 14.63 9.67
C ILE A 320 4.69 13.87 10.68
N GLU A 321 4.49 14.50 11.84
CA GLU A 321 3.51 14.06 12.80
C GLU A 321 2.28 14.95 12.64
N GLY A 322 1.14 14.34 12.35
CA GLY A 322 -0.08 15.10 12.12
C GLY A 322 -1.31 14.53 12.81
N ARG A 323 -2.46 14.93 12.34
CA ARG A 323 -3.69 14.39 12.81
C ARG A 323 -4.70 14.25 11.72
N VAL A 324 -5.56 13.27 11.88
CA VAL A 324 -6.60 13.01 10.91
C VAL A 324 -7.94 13.00 11.63
N PRO A 325 -9.01 13.38 10.94
CA PRO A 325 -10.34 13.34 11.57
C PRO A 325 -10.70 11.94 12.03
N PHE A 326 -11.33 11.85 13.20
CA PHE A 326 -11.84 10.59 13.69
C PHE A 326 -12.96 10.11 12.80
N ARG A 327 -12.90 8.84 12.39
CA ARG A 327 -13.79 8.32 11.38
C ARG A 327 -14.78 7.26 11.86
N GLY A 328 -14.66 6.81 13.11
CA GLY A 328 -15.53 5.77 13.62
C GLY A 328 -15.00 4.38 13.35
N PRO A 329 -15.87 3.36 13.38
CA PRO A 329 -15.40 1.97 13.26
C PRO A 329 -14.79 1.68 11.88
N LEU A 330 -13.79 0.81 11.85
CA LEU A 330 -13.17 0.39 10.60
C LEU A 330 -14.19 -0.20 9.64
N SER A 331 -15.06 -1.07 10.16
CA SER A 331 -16.03 -1.77 9.32
C SER A 331 -16.82 -0.79 8.48
N THR A 332 -17.17 0.34 9.09
CA THR A 332 -17.93 1.39 8.43
C THR A 332 -17.11 2.11 7.35
N VAL A 333 -15.88 2.47 7.69
CA VAL A 333 -14.99 3.10 6.72
C VAL A 333 -14.76 2.18 5.51
N ILE A 334 -14.47 0.91 5.76
CA ILE A 334 -14.25 -0.04 4.68
C ILE A 334 -15.50 -0.18 3.82
N HIS A 335 -16.67 -0.19 4.44
CA HIS A 335 -17.92 -0.27 3.67
C HIS A 335 -18.05 0.89 2.68
N GLN A 336 -17.73 2.10 3.14
CA GLN A 336 -17.79 3.26 2.28
C GLN A 336 -16.72 3.22 1.18
N LEU A 337 -15.51 2.78 1.53
CA LEU A 337 -14.43 2.70 0.54
C LEU A 337 -14.79 1.67 -0.52
N VAL A 338 -15.23 0.50 -0.10
CA VAL A 338 -15.62 -0.55 -1.03
C VAL A 338 -16.85 -0.12 -1.83
N GLY A 339 -17.75 0.63 -1.19
CA GLY A 339 -18.91 1.16 -1.90
C GLY A 339 -18.52 2.03 -3.09
N GLY A 340 -17.49 2.85 -2.90
CA GLY A 340 -17.02 3.71 -3.96
C GLY A 340 -16.41 2.89 -5.07
N LEU A 341 -15.60 1.90 -4.69
CA LEU A 341 -15.02 0.98 -5.66
C LEU A 341 -16.11 0.27 -6.47
N ARG A 342 -17.13 -0.22 -5.78
CA ARG A 342 -18.24 -0.88 -6.44
C ARG A 342 -18.92 0.05 -7.45
N ALA A 343 -19.10 1.32 -7.08
CA ALA A 343 -19.68 2.30 -7.98
C ALA A 343 -18.83 2.42 -9.25
N ALA A 344 -17.51 2.49 -9.09
CA ALA A 344 -16.61 2.61 -10.22
C ALA A 344 -16.73 1.38 -11.10
N MET A 345 -16.83 0.21 -10.48
CA MET A 345 -16.95 -1.00 -11.27
C MET A 345 -18.25 -0.98 -12.08
N GLY A 346 -19.32 -0.46 -11.50
CA GLY A 346 -20.57 -0.31 -12.26
C GLY A 346 -20.43 0.64 -13.43
N TYR A 347 -19.83 1.81 -13.20
CA TYR A 347 -19.67 2.78 -14.29
C TYR A 347 -18.78 2.29 -15.40
N THR A 348 -17.77 1.49 -15.07
CA THR A 348 -16.81 1.06 -16.08
C THR A 348 -17.15 -0.31 -16.69
N GLY A 349 -18.22 -0.94 -16.19
CA GLY A 349 -18.61 -2.24 -16.70
C GLY A 349 -17.61 -3.33 -16.30
N SER A 350 -17.03 -3.19 -15.12
CA SER A 350 -16.02 -4.13 -14.64
C SER A 350 -16.65 -5.13 -13.66
N ALA A 351 -16.75 -6.39 -14.05
CA ALA A 351 -17.41 -7.39 -13.21
C ALA A 351 -16.46 -7.88 -12.13
N THR A 352 -15.17 -7.74 -12.40
CA THR A 352 -14.11 -8.19 -11.52
C THR A 352 -13.01 -7.14 -11.47
N ILE A 353 -12.08 -7.27 -10.53
CA ILE A 353 -10.93 -6.35 -10.47
C ILE A 353 -10.04 -6.54 -11.71
N GLU A 354 -9.90 -7.77 -12.18
CA GLU A 354 -9.12 -8.00 -13.41
C GLU A 354 -9.71 -7.23 -14.61
N GLU A 355 -11.03 -7.08 -14.68
CA GLU A 355 -11.65 -6.25 -15.71
C GLU A 355 -11.41 -4.76 -15.46
N LEU A 356 -11.49 -4.34 -14.20
CA LEU A 356 -11.26 -2.94 -13.86
C LEU A 356 -9.84 -2.49 -14.26
N GLN A 357 -8.88 -3.40 -14.14
CA GLN A 357 -7.49 -3.15 -14.55
C GLN A 357 -7.35 -2.83 -16.04
N GLN A 358 -8.40 -3.09 -16.83
CA GLN A 358 -8.37 -2.75 -18.25
C GLN A 358 -9.14 -1.47 -18.60
N ALA A 359 -9.61 -0.75 -17.58
CA ALA A 359 -10.44 0.43 -17.81
C ALA A 359 -9.59 1.60 -18.33
N GLN A 360 -10.22 2.59 -18.96
CA GLN A 360 -9.48 3.73 -19.50
C GLN A 360 -9.69 4.99 -18.70
N PHE A 361 -8.71 5.89 -18.77
CA PHE A 361 -8.76 7.20 -18.11
C PHE A 361 -8.96 8.33 -19.10
N VAL A 362 -9.48 9.45 -18.59
CA VAL A 362 -9.32 10.74 -19.25
C VAL A 362 -8.42 11.60 -18.37
N GLN A 363 -7.46 12.29 -18.96
CA GLN A 363 -6.63 13.21 -18.20
C GLN A 363 -7.38 14.54 -18.04
N ILE A 364 -7.35 15.14 -16.87
CA ILE A 364 -8.07 16.39 -16.68
C ILE A 364 -7.10 17.55 -16.41
N THR A 365 -7.60 18.78 -16.53
CA THR A 365 -6.76 19.94 -16.30
C THR A 365 -6.93 20.44 -14.88
N ALA A 366 -6.14 21.45 -14.52
CA ALA A 366 -6.27 22.08 -13.21
C ALA A 366 -7.67 22.61 -12.97
N ALA A 367 -8.31 23.10 -14.04
CA ALA A 367 -9.66 23.66 -13.90
C ALA A 367 -10.64 22.57 -13.46
N GLY A 368 -10.44 21.36 -13.95
CA GLY A 368 -11.35 20.27 -13.67
C GLY A 368 -11.33 19.81 -12.22
#